data_4JGN
#
_entry.id   4JGN
#
_cell.length_a   89.362
_cell.length_b   89.362
_cell.length_c   147.936
_cell.angle_alpha   90.000
_cell.angle_beta   90.000
_cell.angle_gamma   120.000
#
_symmetry.space_group_name_H-M   'H 3 2'
#
loop_
_entity.id
_entity.type
_entity.pdbx_description
1 polymer 'RNA silencing suppressor p19'
2 polymer "5'-R(P*UP*UP*GP*CP*UP*GP*CP*UP*GP*CP*UP*GP*CP*UP*GP*CP*UP*GP*CP*U)-3'"
3 non-polymer 'SULFATE ION'
4 water water
#
loop_
_entity_poly.entity_id
_entity_poly.type
_entity_poly.pdbx_seq_one_letter_code
_entity_poly.pdbx_strand_id
1 'polypeptide(L)'
;GSHMTSPFKLPDESPSWTEWRLHNDETNSNQDNPLGFKESWGFGKVVFKRYLRYDRTEASLHRVLGSWTGDSVNYAASRF
FGFDQIGCTYSIRFRGVSITVSGGSRTLQHLCEMAIRSKQELLQLAP
;
A
2 'polyribonucleotide' UUGCUGCUGCUGCUGCUGCU E
#
# COMPACT_ATOMS: atom_id res chain seq x y z
N HIS A 3 -7.08 -17.65 8.93
CA HIS A 3 -6.33 -16.48 9.49
C HIS A 3 -4.90 -16.55 8.94
N MET A 4 -4.35 -15.38 8.61
CA MET A 4 -3.00 -15.22 8.05
C MET A 4 -2.36 -13.98 8.72
N THR A 5 -1.06 -13.99 8.98
CA THR A 5 -0.39 -12.82 9.46
C THR A 5 -0.15 -11.81 8.30
N SER A 6 -0.60 -10.60 8.51
CA SER A 6 -0.56 -9.62 7.43
C SER A 6 0.79 -8.93 7.48
N PRO A 7 1.28 -8.37 6.36
CA PRO A 7 2.42 -7.51 6.37
C PRO A 7 2.14 -6.10 6.96
N PHE A 8 0.87 -5.78 7.11
CA PHE A 8 0.48 -4.38 7.47
C PHE A 8 0.41 -4.21 8.95
N LYS A 9 0.70 -3.02 9.37
CA LYS A 9 0.76 -2.70 10.78
C LYS A 9 -0.35 -1.71 11.14
N LEU A 10 -1.10 -1.24 10.17
CA LEU A 10 -2.29 -0.41 10.42
C LEU A 10 -3.52 -1.15 9.83
N PRO A 11 -4.71 -0.98 10.43
CA PRO A 11 -5.89 -1.72 9.89
C PRO A 11 -6.44 -1.03 8.66
N ASP A 12 -7.27 -1.76 7.89
CA ASP A 12 -7.88 -1.19 6.73
C ASP A 12 -8.85 -0.06 7.06
N GLU A 13 -8.88 0.98 6.23
CA GLU A 13 -9.81 2.11 6.45
C GLU A 13 -10.66 2.30 5.21
N SER A 14 -11.07 1.23 4.51
CA SER A 14 -11.93 1.47 3.31
C SER A 14 -13.20 2.25 3.68
N PRO A 15 -13.54 3.26 2.87
CA PRO A 15 -14.77 3.97 3.17
C PRO A 15 -15.95 3.14 2.76
N SER A 16 -17.08 3.33 3.47
CA SER A 16 -18.33 2.72 3.03
C SER A 16 -18.75 3.46 1.75
N TRP A 17 -19.69 2.84 1.05
CA TRP A 17 -20.36 3.51 -0.06
C TRP A 17 -20.99 4.85 0.32
N THR A 18 -21.68 4.90 1.46
CA THR A 18 -22.25 6.18 1.88
C THR A 18 -21.19 7.23 2.17
N GLU A 19 -20.12 6.86 2.89
CA GLU A 19 -19.10 7.86 3.13
C GLU A 19 -18.49 8.36 1.81
N TRP A 20 -18.21 7.44 0.89
CA TRP A 20 -17.68 7.82 -0.41
C TRP A 20 -18.67 8.82 -1.11
N ARG A 21 -19.96 8.51 -1.08
CA ARG A 21 -20.98 9.41 -1.77
C ARG A 21 -21.02 10.77 -1.10
N LEU A 22 -20.95 10.79 0.23
CA LEU A 22 -20.87 12.08 0.91
C LEU A 22 -19.62 12.83 0.59
N HIS A 23 -18.47 12.15 0.53
CA HIS A 23 -17.24 12.84 0.19
C HIS A 23 -17.31 13.44 -1.26
N ASN A 24 -17.90 12.65 -2.17
CA ASN A 24 -18.11 13.03 -3.62
C ASN A 24 -19.00 14.31 -3.70
N ASP A 25 -20.13 14.34 -2.97
CA ASP A 25 -20.99 15.57 -2.87
C ASP A 25 -20.32 16.86 -2.31
N GLU A 26 -19.36 16.72 -1.41
CA GLU A 26 -18.72 17.90 -0.80
C GLU A 26 -17.30 18.18 -1.35
N THR A 27 -16.82 17.45 -2.36
CA THR A 27 -15.51 17.79 -2.95
C THR A 27 -15.65 18.04 -4.44
N ASN A 28 -14.84 18.97 -4.95
CA ASN A 28 -15.00 19.43 -6.34
C ASN A 28 -14.56 18.35 -7.33
N SER A 29 -13.26 18.12 -7.41
CA SER A 29 -12.77 16.91 -8.09
C SER A 29 -12.38 15.94 -7.01
N ASN A 30 -12.79 14.68 -7.18
CA ASN A 30 -12.44 13.65 -6.20
C ASN A 30 -11.38 12.63 -6.67
N GLN A 31 -10.91 12.77 -7.93
CA GLN A 31 -9.69 12.07 -8.32
C GLN A 31 -8.46 12.88 -7.84
N ASP A 32 -8.60 14.21 -7.84
CA ASP A 32 -7.61 15.14 -7.23
C ASP A 32 -7.48 15.03 -5.70
N ASN A 33 -8.62 14.81 -5.01
CA ASN A 33 -8.72 14.83 -3.52
C ASN A 33 -9.47 13.57 -3.01
N PRO A 34 -8.90 12.40 -3.23
CA PRO A 34 -9.48 11.16 -2.75
C PRO A 34 -9.44 11.10 -1.23
N LEU A 35 -10.15 10.16 -0.64
CA LEU A 35 -10.07 9.97 0.83
C LEU A 35 -8.72 9.44 1.28
N GLY A 36 -8.01 8.80 0.36
CA GLY A 36 -6.67 8.23 0.67
C GLY A 36 -6.19 7.41 -0.54
N PHE A 37 -5.43 6.36 -0.26
CA PHE A 37 -4.76 5.62 -1.35
C PHE A 37 -4.92 4.14 -1.04
N LYS A 38 -4.65 3.30 -2.02
CA LYS A 38 -4.78 1.88 -1.82
C LYS A 38 -3.41 1.25 -2.05
N GLU A 39 -3.08 0.19 -1.31
CA GLU A 39 -1.79 -0.49 -1.50
C GLU A 39 -2.02 -1.96 -1.26
N SER A 40 -1.11 -2.80 -1.76
CA SER A 40 -1.32 -4.26 -1.53
C SER A 40 0.03 -4.92 -1.55
N TRP A 41 0.17 -6.05 -0.84
CA TRP A 41 1.36 -6.86 -0.96
C TRP A 41 0.91 -8.28 -1.33
N GLY A 42 1.50 -8.84 -2.39
CA GLY A 42 1.05 -10.19 -2.95
C GLY A 42 2.28 -11.08 -2.68
N PHE A 43 2.05 -12.31 -2.21
CA PHE A 43 3.14 -13.27 -2.09
C PHE A 43 2.64 -14.59 -2.65
N GLY A 44 3.14 -14.96 -3.83
CA GLY A 44 2.56 -16.11 -4.52
C GLY A 44 1.14 -15.76 -4.82
N LYS A 45 0.15 -16.59 -4.47
CA LYS A 45 -1.22 -16.18 -4.83
C LYS A 45 -2.03 -15.49 -3.67
N VAL A 46 -1.34 -15.16 -2.59
CA VAL A 46 -2.02 -14.61 -1.42
C VAL A 46 -1.79 -13.09 -1.50
N VAL A 47 -2.86 -12.29 -1.47
CA VAL A 47 -2.74 -10.83 -1.47
C VAL A 47 -3.36 -10.21 -0.24
N PHE A 48 -2.71 -9.18 0.32
CA PHE A 48 -3.20 -8.43 1.47
C PHE A 48 -3.37 -7.00 0.99
N LYS A 49 -4.44 -6.32 1.35
CA LYS A 49 -4.71 -5.01 0.74
C LYS A 49 -5.08 -4.09 1.84
N ARG A 50 -4.81 -2.80 1.60
CA ARG A 50 -5.26 -1.76 2.57
C ARG A 50 -5.74 -0.57 1.76
N TYR A 51 -6.75 0.12 2.29
CA TYR A 51 -7.08 1.45 1.84
C TYR A 51 -6.73 2.29 3.08
N LEU A 52 -5.92 3.34 2.92
CA LEU A 52 -5.52 4.16 4.04
C LEU A 52 -5.84 5.60 3.82
N ARG A 53 -6.35 6.26 4.88
CA ARG A 53 -6.67 7.70 4.66
C ARG A 53 -5.40 8.55 4.62
N TYR A 54 -5.38 9.59 3.79
CA TYR A 54 -4.19 10.38 3.64
C TYR A 54 -4.63 11.73 3.15
N ASP A 55 -4.12 12.74 3.81
CA ASP A 55 -4.55 14.12 3.51
C ASP A 55 -3.42 15.02 3.06
N ARG A 56 -2.30 14.42 2.66
CA ARG A 56 -1.16 15.21 2.09
C ARG A 56 -0.50 16.16 3.05
N THR A 57 -0.59 15.91 4.36
CA THR A 57 0.16 16.69 5.35
C THR A 57 1.36 15.86 5.73
N GLU A 58 2.32 16.49 6.41
CA GLU A 58 3.49 15.70 6.86
C GLU A 58 3.10 14.67 7.93
N ALA A 59 2.25 15.09 8.88
CA ALA A 59 1.76 14.16 9.89
C ALA A 59 1.11 12.92 9.24
N SER A 60 0.21 13.11 8.29
CA SER A 60 -0.43 11.98 7.68
C SER A 60 0.51 11.11 6.85
N LEU A 61 1.46 11.75 6.13
CA LEU A 61 2.47 11.00 5.33
C LEU A 61 3.25 10.09 6.28
N HIS A 62 3.70 10.68 7.37
CA HIS A 62 4.48 9.89 8.37
C HIS A 62 3.63 8.69 8.86
N ARG A 63 2.35 8.93 9.19
CA ARG A 63 1.48 7.81 9.70
C ARG A 63 1.40 6.70 8.66
N VAL A 64 1.09 7.05 7.39
CA VAL A 64 0.85 5.97 6.36
C VAL A 64 2.11 5.29 5.88
N LEU A 65 3.27 6.01 5.97
CA LEU A 65 4.51 5.36 5.66
C LEU A 65 4.81 4.33 6.75
N GLY A 66 4.11 4.41 7.89
CA GLY A 66 4.34 3.36 8.96
C GLY A 66 3.41 2.14 8.71
N SER A 67 2.70 2.04 7.59
CA SER A 67 1.73 0.91 7.46
C SER A 67 2.38 -0.48 7.25
N TRP A 68 3.62 -0.50 6.78
CA TRP A 68 4.43 -1.72 6.64
C TRP A 68 5.90 -1.35 6.76
N THR A 69 6.72 -2.31 7.21
CA THR A 69 8.15 -2.13 7.14
C THR A 69 8.78 -3.35 6.44
N GLY A 70 10.09 -3.29 6.23
CA GLY A 70 10.87 -4.47 5.70
C GLY A 70 10.65 -5.68 6.61
N ASP A 71 10.75 -5.43 7.91
CA ASP A 71 10.54 -6.54 8.86
C ASP A 71 9.13 -7.08 8.86
N SER A 72 8.09 -6.23 8.78
CA SER A 72 6.71 -6.80 8.83
C SER A 72 6.41 -7.52 7.51
N VAL A 73 6.93 -7.03 6.38
CA VAL A 73 6.78 -7.73 5.10
C VAL A 73 7.53 -9.06 5.12
N ASN A 74 8.77 -9.06 5.59
CA ASN A 74 9.51 -10.33 5.65
C ASN A 74 8.81 -11.38 6.54
N TYR A 75 8.30 -10.94 7.70
CA TYR A 75 7.63 -11.90 8.59
C TYR A 75 6.40 -12.49 7.94
N ALA A 76 5.59 -11.65 7.30
CA ALA A 76 4.43 -12.19 6.66
C ALA A 76 4.79 -13.04 5.43
N ALA A 77 5.75 -12.57 4.63
CA ALA A 77 6.06 -13.27 3.34
C ALA A 77 6.72 -14.65 3.62
N SER A 78 7.51 -14.78 4.70
CA SER A 78 8.30 -15.99 4.92
C SER A 78 7.37 -17.22 5.27
N ARG A 79 6.12 -16.95 5.64
CA ARG A 79 5.12 -18.00 5.80
C ARG A 79 4.90 -18.83 4.50
N PHE A 80 5.14 -18.19 3.37
CA PHE A 80 4.92 -18.79 2.07
C PHE A 80 6.21 -19.28 1.35
N PHE A 81 7.41 -19.10 1.93
CA PHE A 81 8.70 -19.38 1.27
C PHE A 81 9.05 -20.86 1.37
N GLY A 82 9.88 -21.31 0.45
CA GLY A 82 10.41 -22.67 0.46
C GLY A 82 11.57 -22.62 -0.52
N PHE A 83 11.93 -23.78 -1.04
CA PHE A 83 13.07 -23.90 -1.90
C PHE A 83 12.90 -23.05 -3.17
N ASP A 84 11.77 -23.22 -3.86
CA ASP A 84 11.54 -22.51 -5.10
C ASP A 84 11.15 -21.08 -4.75
N GLN A 85 11.57 -20.14 -5.57
CA GLN A 85 11.17 -18.77 -5.43
C GLN A 85 9.69 -18.59 -5.81
N ILE A 86 9.01 -17.66 -5.11
CA ILE A 86 7.64 -17.31 -5.53
C ILE A 86 7.68 -15.84 -5.99
N GLY A 87 6.67 -15.39 -6.71
CA GLY A 87 6.66 -13.93 -7.03
C GLY A 87 6.06 -13.10 -5.91
N CYS A 88 6.66 -11.93 -5.73
CA CYS A 88 6.24 -10.99 -4.73
C CYS A 88 5.98 -9.67 -5.42
N THR A 89 4.91 -9.01 -4.99
CA THR A 89 4.55 -7.71 -5.63
C THR A 89 3.97 -6.75 -4.61
N TYR A 90 4.44 -5.49 -4.68
CA TYR A 90 3.82 -4.43 -3.94
C TYR A 90 3.16 -3.52 -4.95
N SER A 91 1.90 -3.10 -4.71
CA SER A 91 1.30 -2.11 -5.62
C SER A 91 0.72 -0.95 -4.78
N ILE A 92 0.67 0.24 -5.35
CA ILE A 92 0.09 1.33 -4.64
C ILE A 92 -0.60 2.17 -5.78
N ARG A 93 -1.80 2.67 -5.50
CA ARG A 93 -2.44 3.57 -6.44
C ARG A 93 -2.88 4.83 -5.70
N PHE A 94 -2.60 5.98 -6.30
CA PHE A 94 -2.97 7.24 -5.71
C PHE A 94 -3.18 8.26 -6.82
N ARG A 95 -4.37 8.90 -6.80
CA ARG A 95 -4.70 9.88 -7.84
C ARG A 95 -4.45 9.38 -9.26
N GLY A 96 -5.01 8.25 -9.59
CA GLY A 96 -4.96 7.81 -10.96
C GLY A 96 -3.63 7.15 -11.43
N VAL A 97 -2.58 7.13 -10.59
CA VAL A 97 -1.32 6.54 -10.95
C VAL A 97 -1.03 5.31 -10.09
N SER A 98 -0.76 4.18 -10.73
CA SER A 98 -0.33 2.99 -10.00
C SER A 98 1.12 2.73 -10.15
N ILE A 99 1.77 2.31 -9.05
CA ILE A 99 3.16 1.83 -9.20
C ILE A 99 3.15 0.37 -8.66
N THR A 100 3.77 -0.54 -9.36
CA THR A 100 3.97 -1.87 -8.82
C THR A 100 5.49 -2.17 -8.74
N VAL A 101 5.94 -2.86 -7.74
CA VAL A 101 7.34 -3.23 -7.64
C VAL A 101 7.29 -4.73 -7.48
N SER A 102 7.99 -5.46 -8.32
CA SER A 102 7.80 -6.93 -8.28
C SER A 102 9.08 -7.69 -8.60
N GLY A 103 9.16 -8.95 -8.10
CA GLY A 103 10.29 -9.80 -8.47
C GLY A 103 10.16 -11.07 -7.62
N GLY A 104 11.22 -11.83 -7.59
CA GLY A 104 11.08 -13.14 -6.92
C GLY A 104 11.41 -12.96 -5.45
N SER A 105 11.08 -13.96 -4.63
CA SER A 105 11.26 -13.78 -3.17
C SER A 105 12.71 -13.65 -2.76
N ARG A 106 13.64 -14.11 -3.60
CA ARG A 106 15.05 -13.91 -3.21
C ARG A 106 15.42 -12.47 -3.30
N THR A 107 14.60 -11.66 -3.98
CA THR A 107 14.93 -10.20 -4.04
C THR A 107 14.08 -9.35 -3.07
N LEU A 108 13.38 -9.99 -2.14
CA LEU A 108 12.39 -9.26 -1.27
C LEU A 108 12.97 -8.03 -0.53
N GLN A 109 14.21 -8.11 -0.02
CA GLN A 109 14.76 -6.91 0.66
C GLN A 109 14.81 -5.70 -0.30
N HIS A 110 15.26 -5.97 -1.54
CA HIS A 110 15.34 -4.91 -2.52
C HIS A 110 13.97 -4.46 -2.97
N LEU A 111 13.07 -5.40 -3.13
CA LEU A 111 11.69 -5.01 -3.40
C LEU A 111 11.15 -4.05 -2.33
N CYS A 112 11.39 -4.32 -1.02
CA CYS A 112 10.91 -3.41 0.02
C CYS A 112 11.57 -2.05 -0.06
N GLU A 113 12.84 -2.01 -0.39
CA GLU A 113 13.55 -0.74 -0.47
C GLU A 113 12.99 0.16 -1.59
N MET A 114 12.77 -0.48 -2.73
CA MET A 114 12.14 0.21 -3.85
C MET A 114 10.65 0.51 -3.62
N ALA A 115 9.91 -0.41 -2.97
CA ALA A 115 8.52 -0.11 -2.64
C ALA A 115 8.37 1.09 -1.72
N ILE A 116 9.18 1.18 -0.65
CA ILE A 116 9.03 2.32 0.28
C ILE A 116 9.38 3.64 -0.35
N ARG A 117 10.37 3.62 -1.23
CA ARG A 117 10.72 4.86 -1.96
C ARG A 117 9.66 5.24 -2.97
N SER A 118 9.06 4.25 -3.63
CA SER A 118 7.96 4.53 -4.59
C SER A 118 6.72 5.14 -3.90
N LYS A 119 6.38 4.53 -2.78
CA LYS A 119 5.32 5.00 -1.93
C LYS A 119 5.54 6.42 -1.51
N GLN A 120 6.72 6.74 -1.05
CA GLN A 120 6.92 8.11 -0.59
C GLN A 120 6.87 9.17 -1.73
N GLU A 121 7.47 8.81 -2.87
CA GLU A 121 7.45 9.72 -4.04
C GLU A 121 6.05 9.89 -4.54
N LEU A 122 5.30 8.79 -4.66
CA LEU A 122 3.96 8.95 -5.17
C LEU A 122 3.06 9.78 -4.25
N LEU A 123 3.17 9.52 -2.96
CA LEU A 123 2.27 10.24 -2.03
C LEU A 123 2.68 11.73 -1.95
N GLN A 124 3.91 12.07 -2.37
CA GLN A 124 4.35 13.45 -2.28
C GLN A 124 4.27 14.15 -3.59
N LEU A 125 3.80 13.45 -4.62
CA LEU A 125 3.76 14.01 -5.97
C LEU A 125 3.01 15.31 -6.00
N ALA A 126 3.55 16.35 -6.67
CA ALA A 126 2.84 17.63 -6.81
C ALA A 126 1.52 17.36 -7.56
N PRO A 127 0.43 18.01 -7.14
CA PRO A 127 -0.87 17.60 -7.69
C PRO A 127 -1.19 18.18 -9.08
#